data_6EZQ
#
_entry.id   6EZQ
#
_cell.length_a   98.480
_cell.length_b   52.720
_cell.length_c   123.300
_cell.angle_alpha   90.00
_cell.angle_beta   110.10
_cell.angle_gamma   90.00
#
_symmetry.space_group_name_H-M   'C 1 2 1'
#
loop_
_entity.id
_entity.type
_entity.pdbx_description
1 polymer 'Serum albumin'
2 non-polymer '12-[(4-nitro-2,1,3-benzoxadiazol-7-yl)amino]dodecanoic acid'
3 water water
#
_entity_poly.entity_id   1
_entity_poly.type   'polypeptide(L)'
_entity_poly.pdbx_seq_one_letter_code
;DAHKSEVAHRFKDLGEENFKALVLIAFAQYLQQCPFEDHVKLVNEVTEFAKTCVADESAENCDKSLHTLFGDKLCTVATL
RETYGEMADCCAKQEPERNECFLQHKDDNPNLPRLVRPEVDVMCTAFHDNEETFLKKYLYEIARRHPYFYAPELLFFAKR
YKAAFTECCQAADKAACLLPKLDELRDEGKASSAKQRLKCASLQKFGERAFKAWAVARLSQRFPKAEFAEVSKLVTDLTK
VHTECCHGDLLECADDRADLAKYICENQDSISSKLKECCEKPLLEKSHCIAEVENDEMPADLPSLAADFVESKDVCKNYA
EAKDVFLGMFLYEYARRHPDYSVVLLLRLAKTYETTLEKCCAAADPHECYAKVFDEFKPLVEEPQNLIKQNCELFEQLGE
YKFQNALLVRYTKKVPQVSTPTLVEVSRNLGKVGSKCCKHPEAKRMPCAEDYLSVVLNQLCVLHEKTPVSDRVTKCCTES
LVNRRPCFSALEVDETYVPKEFNAETFTFHADICTLSEKERQIKKQTALVELVKHKPKATKEQLKAVMDDFAAFVEKCCK
ADDKETCFAEEGKKLVAASQAALGL
;
_entity_poly.pdbx_strand_id   A
#
loop_
_chem_comp.id
_chem_comp.type
_chem_comp.name
_chem_comp.formula
C7K non-polymer '12-[(4-nitro-2,1,3-benzoxadiazol-7-yl)amino]dodecanoic acid' 'C18 H26 N4 O5'
#
# COMPACT_ATOMS: atom_id res chain seq x y z
N HIS A 3 -26.54 23.21 -9.00
CA HIS A 3 -25.81 22.46 -7.98
C HIS A 3 -26.65 21.38 -7.28
N LYS A 4 -27.96 21.64 -7.09
CA LYS A 4 -28.97 20.79 -6.44
C LYS A 4 -28.61 19.30 -6.38
N SER A 5 -28.34 18.67 -7.56
CA SER A 5 -28.01 17.25 -7.66
C SER A 5 -26.51 16.91 -7.63
N GLU A 6 -26.16 15.89 -6.82
CA GLU A 6 -24.79 15.40 -6.72
C GLU A 6 -24.55 14.16 -7.61
N VAL A 7 -25.58 13.31 -7.83
CA VAL A 7 -25.54 12.15 -8.76
C VAL A 7 -25.22 12.69 -10.17
N ALA A 8 -25.94 13.77 -10.58
CA ALA A 8 -25.83 14.42 -11.88
C ALA A 8 -24.46 15.03 -12.09
N HIS A 9 -23.97 15.82 -11.10
CA HIS A 9 -22.65 16.46 -11.20
C HIS A 9 -21.59 15.40 -11.48
N ARG A 10 -21.80 14.19 -10.95
CA ARG A 10 -20.88 13.08 -11.11
C ARG A 10 -21.02 12.41 -12.47
N PHE A 11 -22.25 12.00 -12.83
CA PHE A 11 -22.60 11.36 -14.10
C PHE A 11 -22.05 12.14 -15.29
N LYS A 12 -22.33 13.47 -15.32
CA LYS A 12 -21.90 14.42 -16.35
C LYS A 12 -20.38 14.45 -16.48
N ASP A 13 -19.69 14.41 -15.33
CA ASP A 13 -18.26 14.49 -15.20
C ASP A 13 -17.50 13.21 -15.55
N LEU A 14 -17.93 12.08 -14.96
CA LEU A 14 -17.29 10.78 -15.10
C LEU A 14 -17.72 10.01 -16.35
N GLY A 15 -18.97 10.17 -16.74
CA GLY A 15 -19.54 9.46 -17.88
C GLY A 15 -20.40 8.30 -17.38
N GLU A 16 -21.24 7.75 -18.28
CA GLU A 16 -22.15 6.63 -18.00
C GLU A 16 -21.37 5.39 -17.55
N GLU A 17 -20.36 4.98 -18.34
CA GLU A 17 -19.50 3.81 -18.15
C GLU A 17 -18.72 3.81 -16.83
N ASN A 18 -18.09 4.95 -16.49
CA ASN A 18 -17.33 5.06 -15.25
C ASN A 18 -18.24 5.17 -14.05
N PHE A 19 -19.35 5.97 -14.16
CA PHE A 19 -20.30 6.13 -13.07
C PHE A 19 -20.76 4.74 -12.58
N LYS A 20 -21.27 3.93 -13.53
CA LYS A 20 -21.76 2.57 -13.29
C LYS A 20 -20.73 1.76 -12.50
N ALA A 21 -19.46 1.74 -13.03
CA ALA A 21 -18.28 1.04 -12.51
C ALA A 21 -17.94 1.46 -11.11
N LEU A 22 -17.57 2.75 -10.88
CA LEU A 22 -17.24 3.24 -9.53
C LEU A 22 -18.36 2.97 -8.50
N VAL A 23 -19.65 3.00 -8.93
CA VAL A 23 -20.83 2.70 -8.11
C VAL A 23 -20.80 1.20 -7.70
N LEU A 24 -20.41 0.31 -8.64
CA LEU A 24 -20.30 -1.14 -8.40
C LEU A 24 -19.15 -1.44 -7.41
N ILE A 25 -18.00 -0.75 -7.59
CA ILE A 25 -16.81 -0.84 -6.72
C ILE A 25 -17.24 -0.47 -5.31
N ALA A 26 -17.90 0.70 -5.15
CA ALA A 26 -18.40 1.20 -3.88
C ALA A 26 -19.40 0.26 -3.24
N PHE A 27 -20.33 -0.32 -4.00
CA PHE A 27 -21.28 -1.26 -3.41
C PHE A 27 -20.55 -2.50 -2.86
N ALA A 28 -19.66 -3.10 -3.69
CA ALA A 28 -18.80 -4.24 -3.32
C ALA A 28 -17.85 -3.93 -2.13
N GLN A 29 -17.37 -2.68 -2.01
CA GLN A 29 -16.48 -2.29 -0.92
C GLN A 29 -17.19 -2.20 0.41
N TYR A 30 -18.47 -1.77 0.41
CA TYR A 30 -19.30 -1.61 1.61
C TYR A 30 -19.94 -2.95 1.95
N LEU A 31 -20.66 -3.55 0.98
CA LEU A 31 -21.27 -4.86 1.15
C LEU A 31 -20.48 -5.95 0.40
N GLN A 32 -19.40 -6.40 1.06
CA GLN A 32 -18.45 -7.39 0.58
C GLN A 32 -19.05 -8.79 0.46
N GLN A 33 -19.76 -9.26 1.51
CA GLN A 33 -20.37 -10.60 1.53
C GLN A 33 -21.62 -10.75 0.66
N CYS A 34 -22.21 -9.62 0.16
CA CYS A 34 -23.42 -9.63 -0.66
C CYS A 34 -23.21 -10.17 -2.11
N PRO A 35 -24.21 -10.90 -2.71
CA PRO A 35 -24.02 -11.48 -4.04
C PRO A 35 -23.92 -10.50 -5.22
N PHE A 36 -23.14 -10.89 -6.26
CA PHE A 36 -22.86 -10.11 -7.49
C PHE A 36 -24.09 -9.54 -8.16
N GLU A 37 -25.02 -10.44 -8.57
CA GLU A 37 -26.28 -10.19 -9.27
C GLU A 37 -27.17 -9.16 -8.58
N ASP A 38 -27.10 -9.12 -7.23
CA ASP A 38 -27.84 -8.18 -6.40
C ASP A 38 -27.25 -6.77 -6.52
N HIS A 39 -25.91 -6.64 -6.59
CA HIS A 39 -25.27 -5.31 -6.69
C HIS A 39 -25.55 -4.66 -8.03
N VAL A 40 -25.45 -5.44 -9.13
CA VAL A 40 -25.68 -5.02 -10.51
C VAL A 40 -27.09 -4.47 -10.64
N LYS A 41 -28.04 -5.13 -9.97
CA LYS A 41 -29.45 -4.77 -9.89
C LYS A 41 -29.57 -3.34 -9.42
N LEU A 42 -28.91 -3.05 -8.26
CA LEU A 42 -28.90 -1.76 -7.60
C LEU A 42 -28.11 -0.69 -8.37
N VAL A 43 -26.93 -1.04 -8.92
CA VAL A 43 -26.07 -0.17 -9.74
C VAL A 43 -26.90 0.48 -10.87
N ASN A 44 -27.66 -0.35 -11.61
CA ASN A 44 -28.54 0.03 -12.72
C ASN A 44 -29.69 0.90 -12.25
N GLU A 45 -30.27 0.55 -11.08
CA GLU A 45 -31.34 1.29 -10.40
C GLU A 45 -30.93 2.76 -10.18
N VAL A 46 -29.71 3.01 -9.58
CA VAL A 46 -29.15 4.36 -9.36
C VAL A 46 -28.62 4.98 -10.64
N THR A 47 -28.06 4.18 -11.58
CA THR A 47 -27.54 4.72 -12.85
C THR A 47 -28.68 5.32 -13.68
N GLU A 48 -29.83 4.60 -13.80
CA GLU A 48 -31.04 5.05 -14.51
C GLU A 48 -31.56 6.34 -13.84
N PHE A 49 -31.63 6.33 -12.48
CA PHE A 49 -32.04 7.46 -11.64
C PHE A 49 -31.15 8.68 -11.85
N ALA A 50 -29.81 8.51 -11.95
CA ALA A 50 -28.90 9.62 -12.15
C ALA A 50 -29.19 10.44 -13.42
N LYS A 51 -29.54 9.73 -14.54
CA LYS A 51 -29.91 10.28 -15.86
C LYS A 51 -31.12 11.19 -15.68
N THR A 52 -32.08 10.74 -14.83
CA THR A 52 -33.31 11.44 -14.45
C THR A 52 -32.93 12.86 -13.99
N CYS A 53 -31.90 12.95 -13.13
CA CYS A 53 -31.39 14.17 -12.55
C CYS A 53 -30.55 14.99 -13.50
N VAL A 54 -29.85 14.35 -14.47
CA VAL A 54 -29.05 15.11 -15.44
C VAL A 54 -30.04 15.96 -16.27
N ALA A 55 -31.14 15.30 -16.73
CA ALA A 55 -32.25 15.90 -17.50
C ALA A 55 -32.95 17.01 -16.70
N ASP A 56 -33.28 16.76 -15.41
CA ASP A 56 -33.87 17.76 -14.52
C ASP A 56 -33.35 17.65 -13.06
N GLU A 57 -32.40 18.54 -12.72
CA GLU A 57 -31.72 18.68 -11.42
C GLU A 57 -32.69 18.91 -10.27
N SER A 58 -33.90 19.42 -10.57
CA SER A 58 -34.98 19.72 -9.62
C SER A 58 -36.04 18.61 -9.55
N ALA A 59 -35.71 17.40 -10.05
CA ALA A 59 -36.63 16.26 -9.95
C ALA A 59 -36.57 15.71 -8.52
N GLU A 60 -37.56 14.87 -8.14
CA GLU A 60 -37.67 14.29 -6.81
C GLU A 60 -36.43 13.49 -6.39
N ASN A 61 -35.94 13.73 -5.15
CA ASN A 61 -34.81 13.05 -4.49
C ASN A 61 -33.45 13.16 -5.23
N CYS A 62 -33.30 14.12 -6.16
CA CYS A 62 -32.05 14.37 -6.90
C CYS A 62 -31.15 15.25 -6.04
N ASP A 63 -31.76 16.13 -5.23
CA ASP A 63 -31.14 17.07 -4.30
C ASP A 63 -30.26 16.36 -3.24
N LYS A 64 -30.70 15.13 -2.82
CA LYS A 64 -30.09 14.25 -1.84
C LYS A 64 -28.59 14.02 -2.08
N SER A 65 -27.82 13.86 -0.98
CA SER A 65 -26.39 13.58 -1.05
C SER A 65 -26.19 12.10 -1.42
N LEU A 66 -24.99 11.77 -1.91
CA LEU A 66 -24.62 10.42 -2.35
C LEU A 66 -24.53 9.42 -1.20
N HIS A 67 -24.27 9.88 0.05
CA HIS A 67 -24.24 8.98 1.21
C HIS A 67 -25.67 8.62 1.58
N THR A 68 -26.59 9.60 1.42
CA THR A 68 -28.03 9.43 1.67
C THR A 68 -28.61 8.50 0.57
N LEU A 69 -28.13 8.64 -0.67
CA LEU A 69 -28.56 7.83 -1.80
C LEU A 69 -27.97 6.42 -1.84
N PHE A 70 -26.61 6.28 -1.89
CA PHE A 70 -25.94 4.97 -1.94
C PHE A 70 -26.11 4.13 -0.69
N GLY A 71 -26.44 4.78 0.42
CA GLY A 71 -26.69 4.09 1.67
C GLY A 71 -28.06 3.45 1.68
N ASP A 72 -29.06 4.17 1.14
CA ASP A 72 -30.46 3.73 1.05
C ASP A 72 -30.58 2.52 0.13
N LYS A 73 -29.99 2.64 -1.08
CA LYS A 73 -29.95 1.58 -2.10
C LYS A 73 -29.28 0.33 -1.54
N LEU A 74 -28.17 0.52 -0.81
CA LEU A 74 -27.39 -0.53 -0.15
C LEU A 74 -28.17 -1.13 1.02
N CYS A 75 -29.04 -0.32 1.67
CA CYS A 75 -29.89 -0.74 2.79
C CYS A 75 -31.11 -1.58 2.35
N THR A 76 -31.32 -1.71 1.01
CA THR A 76 -32.39 -2.56 0.45
C THR A 76 -31.85 -3.99 0.59
N VAL A 77 -32.17 -4.63 1.74
CA VAL A 77 -31.74 -5.97 2.15
C VAL A 77 -30.16 -5.98 2.28
N ALA A 78 -29.69 -5.72 3.52
CA ALA A 78 -28.29 -5.65 3.89
N THR A 83 -30.88 -5.99 6.63
CA THR A 83 -30.10 -6.76 7.60
C THR A 83 -29.09 -7.69 6.87
N TYR A 84 -27.82 -7.68 7.35
CA TYR A 84 -26.70 -8.47 6.81
C TYR A 84 -25.95 -9.30 7.87
N GLY A 85 -25.65 -8.69 9.02
CA GLY A 85 -24.92 -9.30 10.12
C GLY A 85 -23.77 -8.42 10.55
N GLU A 86 -24.01 -7.58 11.59
CA GLU A 86 -23.14 -6.52 12.16
C GLU A 86 -23.15 -5.26 11.26
N MET A 87 -23.37 -5.49 9.95
CA MET A 87 -23.57 -4.48 8.91
C MET A 87 -25.09 -4.49 8.58
N ALA A 88 -25.88 -4.93 9.58
CA ALA A 88 -27.34 -5.03 9.62
C ALA A 88 -27.91 -3.81 10.35
N ASP A 89 -27.27 -3.47 11.50
CA ASP A 89 -27.57 -2.34 12.38
C ASP A 89 -27.00 -1.04 11.81
N CYS A 90 -26.10 -1.16 10.79
CA CYS A 90 -25.50 -0.05 10.04
C CYS A 90 -26.57 0.77 9.36
N CYS A 91 -27.74 0.14 9.09
CA CYS A 91 -28.90 0.75 8.44
C CYS A 91 -29.78 1.54 9.41
N ALA A 92 -29.95 1.05 10.64
CA ALA A 92 -30.75 1.72 11.69
C ALA A 92 -30.21 3.12 11.98
N LYS A 93 -28.86 3.24 12.08
CA LYS A 93 -28.02 4.43 12.38
C LYS A 93 -28.52 5.79 11.80
N GLN A 94 -29.20 5.78 10.66
CA GLN A 94 -29.89 6.86 9.95
C GLN A 94 -29.09 8.20 9.72
N GLU A 95 -27.82 8.12 9.25
CA GLU A 95 -26.95 9.24 8.80
C GLU A 95 -26.64 10.37 9.82
N PRO A 96 -25.39 10.90 9.88
CA PRO A 96 -24.15 10.49 9.18
C PRO A 96 -23.54 9.22 9.75
N GLU A 97 -24.23 8.63 10.76
CA GLU A 97 -23.89 7.42 11.48
C GLU A 97 -23.91 6.18 10.57
N ARG A 98 -24.87 6.15 9.62
CA ARG A 98 -25.08 5.06 8.66
C ARG A 98 -23.84 4.79 7.79
N ASN A 99 -23.32 5.83 7.08
CA ASN A 99 -22.15 5.68 6.22
C ASN A 99 -20.88 5.43 7.04
N GLU A 100 -20.76 6.10 8.21
CA GLU A 100 -19.63 5.96 9.14
C GLU A 100 -19.52 4.52 9.64
N CYS A 101 -20.69 3.87 9.83
CA CYS A 101 -20.82 2.48 10.26
C CYS A 101 -20.19 1.58 9.21
N PHE A 102 -20.71 1.64 7.95
CA PHE A 102 -20.27 0.89 6.78
C PHE A 102 -18.76 0.82 6.63
N LEU A 103 -18.08 1.96 6.90
CA LEU A 103 -16.62 2.12 6.79
C LEU A 103 -15.83 1.36 7.85
N GLN A 104 -16.09 1.62 9.16
CA GLN A 104 -15.41 0.95 10.28
C GLN A 104 -15.56 -0.57 10.21
N HIS A 105 -16.65 -1.00 9.56
CA HIS A 105 -17.03 -2.39 9.36
C HIS A 105 -16.51 -2.99 8.05
N LYS A 106 -15.56 -2.32 7.36
CA LYS A 106 -14.97 -2.87 6.13
C LYS A 106 -14.11 -4.07 6.51
N ASP A 107 -14.31 -5.23 5.87
CA ASP A 107 -13.56 -6.44 6.18
C ASP A 107 -12.24 -6.53 5.42
N ASP A 108 -11.15 -6.01 6.04
CA ASP A 108 -9.79 -6.01 5.50
C ASP A 108 -9.30 -7.43 5.23
N ASN A 109 -9.53 -8.33 6.19
CA ASN A 109 -9.18 -9.75 6.14
C ASN A 109 -10.50 -10.49 5.88
N PRO A 110 -10.89 -10.68 4.60
CA PRO A 110 -12.21 -11.26 4.31
C PRO A 110 -12.40 -12.74 4.64
N ASN A 111 -13.69 -13.08 4.84
CA ASN A 111 -14.20 -14.41 5.09
C ASN A 111 -14.26 -15.16 3.75
N LEU A 112 -14.68 -14.41 2.69
CA LEU A 112 -14.94 -14.76 1.28
C LEU A 112 -14.07 -15.89 0.70
N PRO A 113 -14.72 -16.82 -0.09
CA PRO A 113 -13.98 -17.95 -0.68
C PRO A 113 -12.81 -17.57 -1.58
N ARG A 114 -11.74 -18.38 -1.55
CA ARG A 114 -10.52 -18.19 -2.34
C ARG A 114 -10.81 -18.23 -3.84
N LEU A 115 -10.25 -17.26 -4.57
CA LEU A 115 -10.40 -17.09 -6.01
C LEU A 115 -9.54 -18.13 -6.75
N VAL A 116 -10.20 -19.10 -7.42
CA VAL A 116 -9.55 -20.18 -8.18
C VAL A 116 -9.69 -19.94 -9.68
N ARG A 117 -8.53 -19.76 -10.36
CA ARG A 117 -8.41 -19.44 -11.79
C ARG A 117 -8.90 -20.57 -12.74
N PRO A 118 -10.07 -20.42 -13.39
CA PRO A 118 -10.52 -21.44 -14.35
C PRO A 118 -9.71 -21.36 -15.65
N GLU A 119 -9.43 -22.53 -16.28
CA GLU A 119 -8.62 -22.69 -17.51
C GLU A 119 -8.96 -21.71 -18.63
N VAL A 120 -7.94 -21.36 -19.46
CA VAL A 120 -7.98 -20.42 -20.60
C VAL A 120 -9.29 -20.47 -21.42
N ASP A 121 -9.53 -21.57 -22.18
CA ASP A 121 -10.72 -21.79 -23.03
C ASP A 121 -12.05 -21.60 -22.28
N VAL A 122 -12.08 -22.04 -20.99
CA VAL A 122 -13.22 -21.95 -20.07
C VAL A 122 -13.55 -20.47 -19.84
N MET A 123 -12.50 -19.67 -19.53
CA MET A 123 -12.52 -18.23 -19.22
C MET A 123 -12.85 -17.38 -20.46
N CYS A 124 -12.21 -17.68 -21.61
CA CYS A 124 -12.40 -16.99 -22.88
C CYS A 124 -13.83 -17.12 -23.43
N THR A 125 -14.64 -18.04 -22.87
CA THR A 125 -16.03 -18.33 -23.29
C THR A 125 -17.06 -17.76 -22.28
N ALA A 126 -16.59 -17.29 -21.10
CA ALA A 126 -17.46 -16.59 -20.12
C ALA A 126 -17.40 -15.15 -20.65
N PHE A 127 -16.20 -14.75 -21.14
CA PHE A 127 -15.84 -13.51 -21.84
C PHE A 127 -16.23 -13.79 -23.27
N HIS A 128 -16.18 -12.79 -24.18
CA HIS A 128 -16.57 -12.89 -25.60
C HIS A 128 -18.09 -12.91 -25.65
N ASP A 129 -18.66 -13.99 -25.13
CA ASP A 129 -20.08 -14.28 -25.02
C ASP A 129 -20.76 -13.21 -24.19
N ASN A 130 -20.30 -12.99 -22.95
CA ASN A 130 -20.87 -11.92 -22.15
C ASN A 130 -19.79 -11.04 -21.54
N GLU A 131 -19.05 -10.32 -22.41
CA GLU A 131 -18.00 -9.34 -22.10
C GLU A 131 -18.47 -8.43 -20.92
N GLU A 132 -19.76 -8.01 -20.96
CA GLU A 132 -20.44 -7.16 -19.98
C GLU A 132 -20.31 -7.61 -18.54
N THR A 133 -21.06 -8.67 -18.12
CA THR A 133 -21.02 -9.18 -16.75
C THR A 133 -19.65 -9.78 -16.39
N PHE A 134 -18.81 -10.13 -17.40
CA PHE A 134 -17.46 -10.66 -17.22
C PHE A 134 -16.57 -9.62 -16.53
N LEU A 135 -16.43 -8.44 -17.14
CA LEU A 135 -15.64 -7.36 -16.59
C LEU A 135 -16.27 -6.85 -15.30
N LYS A 136 -17.62 -6.87 -15.22
CA LYS A 136 -18.39 -6.45 -14.05
C LYS A 136 -18.21 -7.44 -12.90
N LYS A 137 -17.79 -8.68 -13.21
CA LYS A 137 -17.49 -9.66 -12.18
C LYS A 137 -16.11 -9.37 -11.62
N TYR A 138 -15.16 -8.93 -12.50
CA TYR A 138 -13.78 -8.58 -12.14
C TYR A 138 -13.71 -7.45 -11.12
N LEU A 139 -14.52 -6.39 -11.29
CA LEU A 139 -14.56 -5.28 -10.35
C LEU A 139 -15.20 -5.78 -9.06
N TYR A 140 -16.30 -6.55 -9.19
CA TYR A 140 -16.99 -7.13 -8.04
C TYR A 140 -16.03 -7.96 -7.16
N GLU A 141 -15.32 -8.95 -7.74
CA GLU A 141 -14.40 -9.81 -6.98
C GLU A 141 -13.17 -9.09 -6.45
N ILE A 142 -12.69 -8.02 -7.13
CA ILE A 142 -11.50 -7.32 -6.60
C ILE A 142 -11.90 -6.44 -5.44
N ALA A 143 -12.83 -5.49 -5.67
CA ALA A 143 -13.31 -4.54 -4.65
C ALA A 143 -13.74 -5.21 -3.33
N ARG A 144 -14.41 -6.39 -3.42
CA ARG A 144 -14.85 -7.22 -2.29
C ARG A 144 -13.66 -7.61 -1.39
N ARG A 145 -12.66 -8.28 -1.99
CA ARG A 145 -11.45 -8.78 -1.33
C ARG A 145 -10.42 -7.67 -1.07
N HIS A 146 -10.64 -6.45 -1.65
CA HIS A 146 -9.76 -5.29 -1.47
C HIS A 146 -10.61 -4.01 -1.26
N PRO A 147 -11.23 -3.82 -0.04
CA PRO A 147 -12.18 -2.69 0.13
C PRO A 147 -11.56 -1.28 0.29
N TYR A 148 -10.23 -1.15 0.09
CA TYR A 148 -9.50 0.12 0.12
C TYR A 148 -8.76 0.26 -1.20
N PHE A 149 -9.06 -0.66 -2.16
CA PHE A 149 -8.46 -0.61 -3.48
C PHE A 149 -8.94 0.65 -4.15
N TYR A 150 -7.96 1.52 -4.50
CA TYR A 150 -8.07 2.80 -5.20
C TYR A 150 -9.02 2.57 -6.35
N ALA A 151 -10.29 2.94 -6.17
CA ALA A 151 -11.33 2.73 -7.17
C ALA A 151 -10.94 3.33 -8.53
N PRO A 152 -10.42 4.59 -8.63
CA PRO A 152 -10.01 5.07 -9.95
C PRO A 152 -8.87 4.23 -10.56
N GLU A 153 -7.98 3.68 -9.72
CA GLU A 153 -6.91 2.80 -10.19
C GLU A 153 -7.48 1.47 -10.69
N LEU A 154 -8.54 0.98 -10.03
CA LEU A 154 -9.22 -0.26 -10.40
C LEU A 154 -9.94 -0.11 -11.75
N LEU A 155 -10.25 1.14 -12.19
CA LEU A 155 -10.89 1.36 -13.50
C LEU A 155 -9.86 1.12 -14.59
N PHE A 156 -8.61 1.50 -14.30
CA PHE A 156 -7.47 1.36 -15.19
C PHE A 156 -7.07 -0.13 -15.28
N PHE A 157 -7.24 -0.86 -14.17
CA PHE A 157 -6.94 -2.28 -14.09
C PHE A 157 -7.94 -3.09 -14.90
N ALA A 158 -9.23 -2.68 -14.92
CA ALA A 158 -10.28 -3.34 -15.69
C ALA A 158 -10.05 -3.21 -17.22
N LYS A 159 -9.45 -2.08 -17.65
CA LYS A 159 -9.11 -1.77 -19.02
C LYS A 159 -7.84 -2.53 -19.43
N ARG A 160 -7.02 -2.90 -18.45
CA ARG A 160 -5.83 -3.70 -18.69
C ARG A 160 -6.22 -5.18 -18.72
N TYR A 161 -7.31 -5.53 -18.02
CA TYR A 161 -7.87 -6.88 -17.94
C TYR A 161 -8.68 -7.19 -19.20
N LYS A 162 -9.44 -6.18 -19.70
CA LYS A 162 -10.23 -6.30 -20.92
C LYS A 162 -9.27 -6.47 -22.08
N ALA A 163 -8.19 -5.67 -22.16
CA ALA A 163 -7.20 -5.76 -23.22
C ALA A 163 -6.42 -7.08 -23.23
N ALA A 164 -6.21 -7.71 -22.07
CA ALA A 164 -5.52 -9.00 -21.98
C ALA A 164 -6.43 -10.14 -22.45
N PHE A 165 -7.73 -9.88 -22.57
CA PHE A 165 -8.74 -10.84 -23.00
C PHE A 165 -9.23 -10.56 -24.44
N THR A 166 -9.45 -9.28 -24.80
CA THR A 166 -9.91 -8.82 -26.13
C THR A 166 -8.70 -8.73 -27.12
N GLU A 167 -7.59 -9.46 -26.79
CA GLU A 167 -6.37 -9.53 -27.59
C GLU A 167 -5.69 -10.91 -27.42
N CYS A 168 -6.01 -11.68 -26.36
CA CYS A 168 -5.41 -12.99 -26.16
C CYS A 168 -6.32 -14.16 -26.52
N CYS A 169 -7.65 -14.03 -26.35
CA CYS A 169 -8.59 -15.10 -26.69
C CYS A 169 -8.61 -15.37 -28.21
N GLN A 170 -8.03 -14.42 -28.97
CA GLN A 170 -7.89 -14.38 -30.42
C GLN A 170 -6.37 -14.52 -30.79
N ALA A 171 -5.66 -15.42 -30.06
CA ALA A 171 -4.22 -15.70 -30.24
C ALA A 171 -3.97 -17.17 -30.55
N ALA A 172 -2.89 -17.44 -31.33
CA ALA A 172 -2.44 -18.77 -31.74
C ALA A 172 -2.19 -19.64 -30.50
N ASP A 173 -1.51 -19.07 -29.49
CA ASP A 173 -1.25 -19.69 -28.19
C ASP A 173 -1.97 -18.79 -27.18
N LYS A 174 -3.18 -19.20 -26.76
CA LYS A 174 -4.04 -18.45 -25.84
C LYS A 174 -3.48 -18.32 -24.43
N ALA A 175 -3.00 -19.45 -23.85
CA ALA A 175 -2.42 -19.52 -22.49
C ALA A 175 -1.15 -18.68 -22.36
N ALA A 176 -0.23 -18.77 -23.34
CA ALA A 176 1.04 -18.03 -23.35
C ALA A 176 0.85 -16.53 -23.58
N CYS A 177 -0.35 -16.14 -24.01
CA CYS A 177 -0.72 -14.75 -24.23
C CYS A 177 -1.36 -14.22 -22.94
N LEU A 178 -2.48 -14.85 -22.53
CA LEU A 178 -3.30 -14.50 -21.37
C LEU A 178 -2.55 -14.56 -20.03
N LEU A 179 -2.17 -15.78 -19.57
CA LEU A 179 -1.53 -16.04 -18.27
C LEU A 179 -0.31 -15.14 -17.89
N PRO A 180 0.69 -14.81 -18.76
CA PRO A 180 1.81 -13.94 -18.31
C PRO A 180 1.40 -12.49 -18.02
N LYS A 181 0.27 -12.06 -18.58
CA LYS A 181 -0.31 -10.73 -18.41
C LYS A 181 -1.39 -10.78 -17.31
N LEU A 182 -2.05 -11.94 -17.12
CA LEU A 182 -3.12 -12.12 -16.13
C LEU A 182 -2.58 -12.41 -14.74
N ASP A 183 -1.34 -12.90 -14.66
CA ASP A 183 -0.63 -13.16 -13.40
C ASP A 183 0.25 -11.95 -13.05
N GLU A 184 0.41 -11.00 -14.02
CA GLU A 184 1.13 -9.73 -13.85
C GLU A 184 0.13 -8.76 -13.20
N LEU A 185 -1.07 -8.63 -13.81
CA LEU A 185 -2.23 -7.82 -13.41
C LEU A 185 -2.65 -8.19 -12.00
N ARG A 186 -2.54 -9.50 -11.64
CA ARG A 186 -2.84 -10.04 -10.30
C ARG A 186 -1.80 -9.56 -9.29
N ASP A 187 -0.52 -9.59 -9.66
CA ASP A 187 0.58 -9.16 -8.79
C ASP A 187 0.47 -7.65 -8.54
N GLU A 188 0.32 -6.83 -9.64
CA GLU A 188 0.27 -5.37 -9.66
C GLU A 188 -0.88 -4.74 -8.83
N GLY A 189 -2.00 -5.46 -8.73
CA GLY A 189 -3.17 -5.03 -7.97
C GLY A 189 -3.08 -5.32 -6.48
N LYS A 190 -2.36 -6.39 -6.10
CA LYS A 190 -2.14 -6.75 -4.69
C LYS A 190 -1.24 -5.71 -4.05
N ALA A 191 -0.22 -5.25 -4.82
CA ALA A 191 0.71 -4.20 -4.43
C ALA A 191 -0.04 -2.86 -4.33
N SER A 192 -0.90 -2.52 -5.35
CA SER A 192 -1.72 -1.29 -5.36
C SER A 192 -2.72 -1.23 -4.20
N SER A 193 -3.27 -2.40 -3.77
CA SER A 193 -4.19 -2.37 -2.65
C SER A 193 -3.41 -2.02 -1.39
N ALA A 194 -2.29 -2.75 -1.12
CA ALA A 194 -1.40 -2.51 0.02
C ALA A 194 -0.88 -1.08 0.10
N LYS A 195 -0.41 -0.52 -1.06
CA LYS A 195 0.15 0.82 -1.24
C LYS A 195 -0.86 1.94 -0.92
N GLN A 196 -2.17 1.69 -1.20
CA GLN A 196 -3.30 2.59 -0.94
C GLN A 196 -3.89 2.42 0.46
N ARG A 197 -3.90 1.17 0.97
CA ARG A 197 -4.34 0.83 2.31
C ARG A 197 -3.45 1.54 3.32
N LEU A 198 -2.18 1.82 2.96
CA LEU A 198 -1.21 2.56 3.78
C LEU A 198 -1.55 4.03 3.71
N LYS A 199 -1.80 4.57 2.50
CA LYS A 199 -2.22 5.98 2.31
C LYS A 199 -3.43 6.30 3.17
N CYS A 200 -4.38 5.37 3.23
CA CYS A 200 -5.59 5.49 4.03
C CYS A 200 -5.25 5.48 5.50
N ALA A 201 -4.47 4.46 5.97
CA ALA A 201 -4.03 4.32 7.34
C ALA A 201 -3.31 5.59 7.80
N SER A 202 -2.43 6.15 6.94
CA SER A 202 -1.72 7.41 7.20
C SER A 202 -2.66 8.58 7.52
N LEU A 203 -3.92 8.58 7.01
CA LEU A 203 -4.92 9.60 7.32
C LEU A 203 -5.72 9.23 8.58
N GLN A 204 -6.13 7.95 8.70
CA GLN A 204 -6.99 7.46 9.78
C GLN A 204 -6.27 7.24 11.11
N LYS A 205 -5.12 6.58 11.08
CA LYS A 205 -4.30 6.24 12.25
C LYS A 205 -3.23 7.29 12.55
N PHE A 206 -3.08 8.39 11.74
CA PHE A 206 -2.00 9.39 11.97
C PHE A 206 -2.40 10.84 11.68
N GLY A 207 -3.50 11.07 10.99
CA GLY A 207 -3.97 12.42 10.71
C GLY A 207 -3.67 13.02 9.35
N GLU A 208 -4.43 14.07 9.01
CA GLU A 208 -4.34 14.83 7.77
C GLU A 208 -2.95 15.39 7.60
N ARG A 209 -2.36 15.94 8.69
CA ARG A 209 -1.05 16.61 8.76
C ARG A 209 0.11 15.71 8.44
N ALA A 210 0.12 14.45 8.97
CA ALA A 210 1.15 13.44 8.69
C ALA A 210 1.10 13.11 7.21
N PHE A 211 -0.10 12.75 6.71
CA PHE A 211 -0.34 12.44 5.31
C PHE A 211 0.18 13.59 4.44
N LYS A 212 -0.27 14.83 4.73
CA LYS A 212 0.13 16.05 4.02
C LYS A 212 1.63 16.28 4.13
N ALA A 213 2.26 15.82 5.23
CA ALA A 213 3.70 15.99 5.40
C ALA A 213 4.41 15.00 4.41
N TRP A 214 3.99 13.71 4.43
CA TRP A 214 4.50 12.68 3.52
C TRP A 214 4.41 13.20 2.08
N ALA A 215 3.22 13.75 1.71
CA ALA A 215 2.91 14.33 0.43
C ALA A 215 3.87 15.48 0.05
N VAL A 216 4.09 16.49 0.95
CA VAL A 216 5.00 17.64 0.70
C VAL A 216 6.41 17.16 0.43
N ALA A 217 6.87 16.16 1.20
CA ALA A 217 8.18 15.55 1.07
C ALA A 217 8.32 14.93 -0.29
N ARG A 218 7.40 13.99 -0.64
CA ARG A 218 7.38 13.21 -1.87
C ARG A 218 7.24 14.06 -3.12
N LEU A 219 6.20 14.91 -3.18
CA LEU A 219 5.99 15.80 -4.30
C LEU A 219 7.17 16.78 -4.49
N SER A 220 7.91 17.13 -3.41
CA SER A 220 9.08 18.02 -3.46
C SER A 220 10.24 17.32 -4.07
N GLN A 221 10.41 16.00 -3.77
CA GLN A 221 11.44 15.11 -4.31
C GLN A 221 11.23 15.00 -5.83
N ARG A 222 9.97 14.74 -6.25
CA ARG A 222 9.53 14.54 -7.63
C ARG A 222 9.58 15.78 -8.50
N PHE A 223 9.21 16.93 -7.95
CA PHE A 223 9.15 18.18 -8.69
C PHE A 223 10.01 19.22 -7.99
N PRO A 224 11.36 19.05 -8.03
CA PRO A 224 12.21 19.98 -7.32
C PRO A 224 12.28 21.35 -7.95
N LYS A 225 11.98 21.47 -9.25
CA LYS A 225 12.01 22.76 -9.98
C LYS A 225 10.82 23.61 -9.54
N ALA A 226 9.64 22.97 -9.36
CA ALA A 226 8.38 23.54 -8.91
C ALA A 226 8.58 24.33 -7.62
N GLU A 227 7.89 25.48 -7.50
CA GLU A 227 7.96 26.35 -6.33
C GLU A 227 7.23 25.77 -5.12
N PHE A 228 7.42 26.33 -3.91
CA PHE A 228 6.75 25.83 -2.71
C PHE A 228 5.22 25.95 -2.78
N ALA A 229 4.71 27.11 -3.26
CA ALA A 229 3.27 27.37 -3.41
C ALA A 229 2.62 26.34 -4.34
N GLU A 230 3.37 25.89 -5.36
CA GLU A 230 2.91 24.90 -6.33
C GLU A 230 2.74 23.54 -5.67
N VAL A 231 3.82 22.99 -5.08
CA VAL A 231 3.79 21.72 -4.35
C VAL A 231 2.57 21.74 -3.40
N SER A 232 2.47 22.78 -2.53
CA SER A 232 1.36 23.00 -1.58
C SER A 232 -0.04 22.95 -2.21
N LYS A 233 -0.15 23.28 -3.51
CA LYS A 233 -1.42 23.20 -4.22
C LYS A 233 -1.73 21.71 -4.43
N LEU A 234 -0.77 20.98 -5.00
CA LEU A 234 -0.88 19.56 -5.34
C LEU A 234 -1.14 18.71 -4.10
N VAL A 235 -0.48 19.03 -2.98
CA VAL A 235 -0.64 18.37 -1.68
C VAL A 235 -2.12 18.52 -1.24
N THR A 236 -2.63 19.75 -1.23
CA THR A 236 -4.02 20.13 -0.88
C THR A 236 -5.05 19.34 -1.72
N ASP A 237 -4.85 19.26 -3.06
CA ASP A 237 -5.69 18.53 -4.02
C ASP A 237 -5.62 17.02 -3.83
N LEU A 238 -4.38 16.49 -3.77
CA LEU A 238 -4.01 15.10 -3.54
C LEU A 238 -4.61 14.55 -2.24
N THR A 239 -4.52 15.34 -1.15
CA THR A 239 -5.06 15.00 0.17
C THR A 239 -6.58 14.93 0.07
N LYS A 240 -7.20 15.76 -0.79
CA LYS A 240 -8.65 15.73 -0.98
C LYS A 240 -9.08 14.40 -1.60
N VAL A 241 -8.44 14.03 -2.73
CA VAL A 241 -8.69 12.80 -3.50
C VAL A 241 -8.59 11.60 -2.59
N HIS A 242 -7.52 11.51 -1.79
CA HIS A 242 -7.36 10.36 -0.91
C HIS A 242 -8.30 10.38 0.26
N THR A 243 -8.63 11.55 0.89
CA THR A 243 -9.61 11.58 1.99
C THR A 243 -10.93 10.95 1.51
N GLU A 244 -11.48 11.47 0.39
CA GLU A 244 -12.70 10.99 -0.30
C GLU A 244 -12.58 9.52 -0.60
N CYS A 245 -11.57 9.14 -1.41
CA CYS A 245 -11.28 7.75 -1.82
C CYS A 245 -11.15 6.80 -0.61
N CYS A 246 -10.59 7.28 0.52
CA CYS A 246 -10.40 6.47 1.75
C CYS A 246 -11.65 6.44 2.62
N HIS A 247 -12.53 7.46 2.46
CA HIS A 247 -13.82 7.59 3.16
C HIS A 247 -14.96 7.03 2.32
N GLY A 248 -14.61 6.44 1.19
CA GLY A 248 -15.55 5.79 0.29
C GLY A 248 -16.36 6.68 -0.63
N ASP A 249 -15.87 7.91 -0.86
CA ASP A 249 -16.49 8.87 -1.78
C ASP A 249 -15.84 8.69 -3.15
N LEU A 250 -16.01 7.47 -3.68
CA LEU A 250 -15.42 6.95 -4.90
C LEU A 250 -15.75 7.74 -6.17
N LEU A 251 -16.93 8.40 -6.20
CA LEU A 251 -17.31 9.21 -7.35
C LEU A 251 -16.56 10.55 -7.30
N GLU A 252 -16.65 11.23 -6.16
CA GLU A 252 -16.03 12.53 -5.88
C GLU A 252 -14.55 12.54 -6.17
N CYS A 253 -13.75 11.64 -5.53
CA CYS A 253 -12.30 11.54 -5.72
C CYS A 253 -11.89 11.17 -7.12
N ALA A 254 -12.62 10.25 -7.76
CA ALA A 254 -12.36 9.83 -9.14
C ALA A 254 -12.40 11.02 -10.08
N ASP A 255 -13.29 11.96 -9.77
CA ASP A 255 -13.46 13.17 -10.53
C ASP A 255 -12.36 14.15 -10.17
N ASP A 256 -12.04 14.29 -8.86
CA ASP A 256 -10.98 15.18 -8.30
C ASP A 256 -9.55 14.79 -8.72
N ARG A 257 -9.35 13.48 -9.02
CA ARG A 257 -8.11 12.87 -9.50
C ARG A 257 -8.01 13.13 -10.99
N ALA A 258 -9.16 13.31 -11.63
CA ALA A 258 -9.22 13.61 -13.04
C ALA A 258 -8.89 15.08 -13.24
N ASP A 259 -9.53 15.97 -12.43
CA ASP A 259 -9.31 17.44 -12.48
C ASP A 259 -7.84 17.81 -12.14
N LEU A 260 -7.15 16.96 -11.35
CA LEU A 260 -5.74 17.11 -10.90
C LEU A 260 -4.75 16.68 -11.97
N ALA A 261 -5.07 15.57 -12.68
CA ALA A 261 -4.30 15.02 -13.79
C ALA A 261 -4.29 16.08 -14.88
N LYS A 262 -5.50 16.64 -15.19
CA LYS A 262 -5.77 17.73 -16.14
C LYS A 262 -4.90 18.94 -15.78
N TYR A 263 -5.07 19.49 -14.56
CA TYR A 263 -4.32 20.62 -14.02
C TYR A 263 -2.82 20.48 -14.19
N ILE A 264 -2.24 19.33 -13.79
CA ILE A 264 -0.80 19.06 -13.88
C ILE A 264 -0.34 19.24 -15.32
N CYS A 265 -1.13 18.73 -16.24
CA CYS A 265 -0.95 18.75 -17.69
C CYS A 265 -1.04 20.17 -18.31
N GLU A 266 -1.81 21.07 -17.71
CA GLU A 266 -1.95 22.44 -18.21
C GLU A 266 -0.94 23.40 -17.54
N ASN A 267 -0.32 22.94 -16.43
CA ASN A 267 0.63 23.70 -15.60
C ASN A 267 2.02 23.04 -15.45
N GLN A 268 2.44 22.20 -16.43
CA GLN A 268 3.72 21.47 -16.48
C GLN A 268 4.95 22.36 -16.26
N ASP A 269 4.96 23.55 -16.88
CA ASP A 269 6.01 24.55 -16.77
C ASP A 269 6.36 24.86 -15.32
N SER A 270 5.32 24.98 -14.47
CA SER A 270 5.43 25.25 -13.03
C SER A 270 5.53 23.96 -12.13
N ILE A 271 5.51 22.74 -12.74
CA ILE A 271 5.57 21.44 -12.04
C ILE A 271 6.84 20.63 -12.47
N SER A 272 6.84 20.00 -13.69
CA SER A 272 7.95 19.16 -14.20
C SER A 272 8.09 19.21 -15.73
N SER A 273 9.16 18.58 -16.25
CA SER A 273 9.44 18.40 -17.68
C SER A 273 9.16 16.94 -18.06
N LYS A 274 9.19 16.03 -17.06
CA LYS A 274 9.02 14.58 -17.22
C LYS A 274 7.54 14.08 -17.39
N LEU A 275 6.58 14.99 -17.58
CA LEU A 275 5.17 14.61 -17.75
C LEU A 275 4.68 14.84 -19.19
N LYS A 276 5.59 14.81 -20.19
CA LYS A 276 5.21 15.08 -21.58
C LYS A 276 4.26 14.02 -22.18
N GLU A 277 4.72 12.76 -22.29
CA GLU A 277 3.92 11.64 -22.81
C GLU A 277 2.75 11.33 -21.88
N CYS A 278 2.97 11.42 -20.54
CA CYS A 278 1.95 11.15 -19.53
C CYS A 278 0.67 11.91 -19.81
N CYS A 279 0.83 13.19 -20.14
CA CYS A 279 -0.25 14.12 -20.38
C CYS A 279 -0.84 14.07 -21.79
N GLU A 280 -0.39 13.09 -22.62
CA GLU A 280 -0.90 12.81 -23.98
C GLU A 280 -1.72 11.50 -23.97
N LYS A 281 -1.52 10.66 -22.94
CA LYS A 281 -2.17 9.35 -22.71
C LYS A 281 -3.68 9.47 -22.36
N PRO A 282 -4.51 8.39 -22.46
CA PRO A 282 -5.93 8.51 -22.08
C PRO A 282 -6.09 8.69 -20.58
N LEU A 283 -7.24 9.22 -20.17
CA LEU A 283 -7.59 9.58 -18.79
C LEU A 283 -7.07 8.63 -17.74
N LEU A 284 -7.47 7.35 -17.75
CA LEU A 284 -7.03 6.44 -16.69
C LEU A 284 -5.53 6.23 -16.70
N GLU A 285 -4.92 6.10 -17.89
CA GLU A 285 -3.46 5.95 -18.02
C GLU A 285 -2.74 7.20 -17.47
N LYS A 286 -3.27 8.41 -17.78
CA LYS A 286 -2.77 9.75 -17.45
C LYS A 286 -2.45 9.89 -15.97
N SER A 287 -3.45 9.65 -15.09
CA SER A 287 -3.34 9.74 -13.63
C SER A 287 -2.36 8.70 -13.07
N HIS A 288 -2.38 7.47 -13.62
CA HIS A 288 -1.47 6.39 -13.24
C HIS A 288 -0.01 6.72 -13.60
N CYS A 289 0.20 7.27 -14.81
CA CYS A 289 1.47 7.69 -15.41
C CYS A 289 2.17 8.71 -14.49
N ILE A 290 1.42 9.81 -14.17
CA ILE A 290 1.86 10.93 -13.32
C ILE A 290 2.26 10.43 -11.93
N ALA A 291 1.58 9.39 -11.41
CA ALA A 291 1.86 8.79 -10.10
C ALA A 291 3.18 8.00 -10.13
N GLU A 292 3.38 7.14 -11.16
CA GLU A 292 4.58 6.33 -11.35
C GLU A 292 5.72 7.10 -12.08
N VAL A 293 5.53 8.41 -12.33
CA VAL A 293 6.49 9.23 -13.05
C VAL A 293 7.82 9.31 -12.32
N GLU A 294 8.91 9.46 -13.08
CA GLU A 294 10.28 9.59 -12.57
C GLU A 294 10.48 10.98 -11.97
N ASN A 295 11.23 11.10 -10.84
CA ASN A 295 11.49 12.41 -10.21
C ASN A 295 12.27 13.31 -11.17
N ASP A 296 11.87 14.57 -11.28
CA ASP A 296 12.55 15.55 -12.12
C ASP A 296 13.92 15.94 -11.54
N GLU A 297 14.78 16.56 -12.37
CA GLU A 297 16.12 17.00 -11.98
C GLU A 297 16.01 18.14 -10.98
N MET A 298 16.84 18.11 -9.90
CA MET A 298 16.84 19.19 -8.89
C MET A 298 17.53 20.41 -9.48
N PRO A 299 16.98 21.64 -9.28
CA PRO A 299 17.54 22.83 -9.94
C PRO A 299 19.04 23.02 -9.76
N ALA A 300 19.72 23.48 -10.83
CA ALA A 300 21.15 23.77 -10.82
C ALA A 300 21.38 24.88 -9.80
N ASP A 301 22.63 25.04 -9.30
CA ASP A 301 23.01 25.99 -8.24
C ASP A 301 22.23 25.64 -6.94
N LEU A 302 21.35 26.54 -6.43
CA LEU A 302 20.52 26.40 -5.21
C LEU A 302 21.26 26.70 -3.91
N PRO A 303 20.69 27.57 -3.05
CA PRO A 303 21.36 27.88 -1.78
C PRO A 303 21.33 26.75 -0.74
N SER A 304 22.22 26.82 0.24
CA SER A 304 22.32 25.86 1.33
C SER A 304 21.25 26.17 2.39
N LEU A 305 20.43 25.14 2.73
CA LEU A 305 19.37 25.12 3.75
C LEU A 305 19.74 25.85 5.05
N ALA A 306 21.03 25.76 5.44
CA ALA A 306 21.60 26.35 6.64
C ALA A 306 21.33 27.85 6.77
N ALA A 307 21.57 28.64 5.71
CA ALA A 307 21.38 30.07 5.73
C ALA A 307 19.92 30.48 6.02
N ASP A 308 18.96 29.62 5.67
CA ASP A 308 17.51 29.83 5.81
C ASP A 308 16.91 29.16 7.05
N PHE A 309 17.57 28.11 7.56
CA PHE A 309 17.00 27.37 8.69
C PHE A 309 17.90 27.32 9.93
N VAL A 310 19.13 27.86 9.86
CA VAL A 310 20.09 27.94 10.99
C VAL A 310 20.70 29.37 11.15
N GLU A 311 21.36 29.88 10.09
CA GLU A 311 22.05 31.19 10.12
C GLU A 311 21.15 32.42 10.20
N SER A 312 19.97 32.39 9.56
CA SER A 312 19.04 33.52 9.57
C SER A 312 18.61 33.89 10.99
N LYS A 313 18.53 35.21 11.28
CA LYS A 313 18.10 35.70 12.59
C LYS A 313 16.61 35.49 12.73
N ASP A 314 15.89 35.56 11.60
CA ASP A 314 14.44 35.44 11.54
C ASP A 314 13.93 33.99 11.66
N VAL A 315 14.82 33.01 11.93
CA VAL A 315 14.48 31.58 12.02
C VAL A 315 13.32 31.36 13.01
N CYS A 316 13.42 31.87 14.24
CA CYS A 316 12.39 31.72 15.27
C CYS A 316 11.24 32.68 15.10
N LYS A 317 11.48 33.77 14.34
CA LYS A 317 10.47 34.78 14.01
C LYS A 317 9.46 34.09 13.06
N ASN A 318 9.96 33.64 11.88
CA ASN A 318 9.15 32.99 10.85
C ASN A 318 8.57 31.66 11.34
N TYR A 319 9.18 31.08 12.40
CA TYR A 319 8.67 29.83 12.95
C TYR A 319 7.49 30.09 13.86
N ALA A 320 7.60 31.02 14.83
CA ALA A 320 6.51 31.41 15.74
C ALA A 320 5.29 31.97 14.94
N GLU A 321 5.57 32.75 13.85
CA GLU A 321 4.61 33.36 12.93
C GLU A 321 3.78 32.29 12.21
N ALA A 322 4.42 31.43 11.42
CA ALA A 322 3.74 30.36 10.68
C ALA A 322 4.56 29.06 10.83
N LYS A 323 4.22 28.27 11.90
CA LYS A 323 4.88 27.02 12.33
C LYS A 323 4.81 25.91 11.32
N ASP A 324 3.60 25.67 10.78
CA ASP A 324 3.40 24.62 9.79
C ASP A 324 3.95 25.00 8.41
N VAL A 325 3.83 26.28 8.01
CA VAL A 325 4.37 26.73 6.73
C VAL A 325 5.89 26.53 6.70
N PHE A 326 6.59 27.02 7.77
CA PHE A 326 8.05 26.96 7.96
C PHE A 326 8.57 25.51 8.04
N LEU A 327 7.81 24.59 8.67
CA LEU A 327 8.24 23.19 8.71
C LEU A 327 7.95 22.50 7.37
N GLY A 328 6.96 23.02 6.63
CA GLY A 328 6.58 22.58 5.30
C GLY A 328 7.65 22.99 4.32
N MET A 329 8.22 24.20 4.52
CA MET A 329 9.29 24.75 3.72
C MET A 329 10.56 24.01 4.03
N PHE A 330 10.76 23.60 5.31
CA PHE A 330 11.94 22.80 5.70
C PHE A 330 11.88 21.45 4.97
N LEU A 331 10.70 20.80 4.99
CA LEU A 331 10.44 19.54 4.32
C LEU A 331 10.61 19.71 2.82
N TYR A 332 10.00 20.77 2.22
CA TYR A 332 10.10 21.07 0.78
C TYR A 332 11.53 21.28 0.36
N GLU A 333 12.24 22.15 1.07
CA GLU A 333 13.63 22.52 0.78
C GLU A 333 14.60 21.38 1.03
N TYR A 334 14.38 20.56 2.08
CA TYR A 334 15.28 19.46 2.31
C TYR A 334 15.00 18.37 1.31
N ALA A 335 13.74 17.93 1.19
CA ALA A 335 13.26 16.86 0.29
C ALA A 335 13.70 16.99 -1.16
N ARG A 336 13.59 18.21 -1.75
CA ARG A 336 13.96 18.51 -3.13
C ARG A 336 15.44 18.38 -3.41
N ARG A 337 16.28 18.65 -2.40
CA ARG A 337 17.73 18.48 -2.46
C ARG A 337 18.10 17.00 -2.22
N HIS A 338 17.13 16.18 -1.75
CA HIS A 338 17.37 14.79 -1.40
C HIS A 338 16.45 13.76 -2.06
N PRO A 339 16.62 13.47 -3.36
CA PRO A 339 15.82 12.39 -3.98
C PRO A 339 16.31 11.01 -3.51
N ASP A 340 17.55 10.94 -2.97
CA ASP A 340 18.26 9.75 -2.48
C ASP A 340 17.74 9.24 -1.15
N TYR A 341 17.17 10.14 -0.34
CA TYR A 341 16.61 9.84 0.97
C TYR A 341 15.17 9.38 0.77
N SER A 342 14.71 8.46 1.65
CA SER A 342 13.34 7.97 1.71
C SER A 342 12.42 9.05 2.33
N VAL A 343 11.10 9.02 2.05
CA VAL A 343 10.20 10.04 2.60
C VAL A 343 10.27 10.02 4.10
N VAL A 344 9.94 8.84 4.70
CA VAL A 344 9.99 8.51 6.13
C VAL A 344 11.25 9.14 6.79
N LEU A 345 12.46 8.89 6.20
CA LEU A 345 13.71 9.51 6.68
C LEU A 345 13.59 11.04 6.71
N LEU A 346 13.32 11.71 5.56
CA LEU A 346 13.14 13.17 5.44
C LEU A 346 12.19 13.77 6.47
N LEU A 347 11.15 13.02 6.86
CA LEU A 347 10.19 13.41 7.89
C LEU A 347 10.78 13.28 9.31
N ARG A 348 11.67 12.29 9.53
CA ARG A 348 12.35 12.19 10.82
C ARG A 348 13.15 13.48 11.03
N LEU A 349 13.98 13.87 10.03
CA LEU A 349 14.79 15.11 10.02
C LEU A 349 13.91 16.37 10.20
N ALA A 350 12.67 16.37 9.68
CA ALA A 350 11.76 17.49 9.83
C ALA A 350 11.27 17.59 11.27
N LYS A 351 10.86 16.44 11.88
CA LYS A 351 10.41 16.43 13.28
C LYS A 351 11.59 16.73 14.24
N THR A 352 12.79 16.19 13.93
CA THR A 352 14.04 16.38 14.69
C THR A 352 14.31 17.87 14.77
N TYR A 353 14.26 18.55 13.62
CA TYR A 353 14.42 19.99 13.48
C TYR A 353 13.34 20.72 14.31
N GLU A 354 12.04 20.32 14.16
CA GLU A 354 10.86 20.85 14.89
C GLU A 354 11.09 20.90 16.38
N THR A 355 11.72 19.85 16.94
CA THR A 355 12.01 19.74 18.37
C THR A 355 13.12 20.69 18.75
N THR A 356 14.09 20.90 17.84
CA THR A 356 15.23 21.76 18.14
C THR A 356 14.73 23.18 18.16
N LEU A 357 13.77 23.50 17.29
CA LEU A 357 13.16 24.84 17.28
C LEU A 357 12.27 25.05 18.47
N GLU A 358 11.40 24.08 18.81
CA GLU A 358 10.51 24.16 19.99
C GLU A 358 11.26 24.39 21.29
N LYS A 359 12.45 23.79 21.44
CA LYS A 359 13.33 23.91 22.59
C LYS A 359 14.08 25.24 22.58
N CYS A 360 14.76 25.55 21.46
CA CYS A 360 15.67 26.68 21.29
C CYS A 360 15.03 28.04 21.08
N CYS A 361 13.81 28.12 20.56
CA CYS A 361 13.23 29.45 20.35
C CYS A 361 12.61 30.03 21.64
N ALA A 362 12.59 29.19 22.70
CA ALA A 362 12.16 29.55 24.05
C ALA A 362 13.35 30.20 24.77
N ALA A 363 14.58 29.75 24.39
CA ALA A 363 15.90 30.14 24.89
C ALA A 363 16.22 31.67 24.83
N ALA A 364 17.36 32.07 25.45
CA ALA A 364 17.86 33.45 25.50
C ALA A 364 18.77 33.70 24.31
N ASP A 365 19.37 32.63 23.78
CA ASP A 365 20.19 32.70 22.59
C ASP A 365 19.85 31.51 21.70
N PRO A 366 18.73 31.59 20.94
CA PRO A 366 18.34 30.49 20.06
C PRO A 366 19.44 30.00 19.13
N HIS A 367 20.15 30.89 18.39
CA HIS A 367 21.25 30.48 17.49
C HIS A 367 22.26 29.57 18.20
N GLU A 368 22.81 30.00 19.35
CA GLU A 368 23.80 29.20 20.10
C GLU A 368 23.21 27.87 20.65
N CYS A 369 21.88 27.73 20.57
CA CYS A 369 21.14 26.53 21.00
C CYS A 369 20.93 25.54 19.79
N TYR A 370 20.27 26.03 18.71
CA TYR A 370 19.98 25.21 17.54
C TYR A 370 21.08 25.21 16.48
N ALA A 371 22.27 25.80 16.76
CA ALA A 371 23.39 25.89 15.81
C ALA A 371 23.82 24.54 15.21
N LYS A 372 24.01 23.55 16.09
CA LYS A 372 24.41 22.19 15.76
C LYS A 372 23.19 21.28 15.46
N VAL A 373 22.13 21.80 14.77
CA VAL A 373 20.97 20.94 14.54
C VAL A 373 21.24 19.94 13.41
N PHE A 374 21.86 20.35 12.27
CA PHE A 374 22.19 19.44 11.16
C PHE A 374 23.15 18.29 11.59
N ASP A 375 23.63 18.34 12.84
CA ASP A 375 24.51 17.34 13.42
C ASP A 375 23.69 16.22 14.05
N GLU A 376 22.39 16.47 14.30
CA GLU A 376 21.46 15.46 14.84
C GLU A 376 21.02 14.57 13.70
N PHE A 377 20.97 15.17 12.50
CA PHE A 377 20.56 14.62 11.22
C PHE A 377 21.48 13.52 10.65
N LYS A 378 22.81 13.63 10.89
CA LYS A 378 23.81 12.70 10.38
C LYS A 378 23.55 11.29 10.88
N PRO A 379 23.40 11.02 12.21
CA PRO A 379 23.14 9.63 12.64
C PRO A 379 21.80 9.08 12.14
N LEU A 380 20.86 10.00 11.78
CA LEU A 380 19.51 9.70 11.26
C LEU A 380 19.56 9.21 9.82
N VAL A 381 20.42 9.84 8.99
CA VAL A 381 20.64 9.52 7.58
C VAL A 381 21.48 8.28 7.45
N GLU A 382 22.61 8.26 8.16
CA GLU A 382 23.57 7.16 8.16
C GLU A 382 22.91 5.81 8.52
N GLU A 383 22.02 5.78 9.55
CA GLU A 383 21.33 4.57 10.02
C GLU A 383 20.71 3.75 8.85
N PRO A 384 19.78 4.27 7.97
CA PRO A 384 19.30 3.45 6.85
C PRO A 384 20.30 3.28 5.71
N GLN A 385 21.13 4.32 5.40
CA GLN A 385 22.14 4.28 4.33
C GLN A 385 22.98 3.02 4.48
N ASN A 386 23.40 2.73 5.73
CA ASN A 386 24.17 1.59 6.16
C ASN A 386 23.38 0.30 6.07
N LEU A 387 22.08 0.34 6.45
CA LEU A 387 21.20 -0.83 6.43
C LEU A 387 20.99 -1.39 5.03
N ILE A 388 20.80 -0.51 4.02
CA ILE A 388 20.61 -0.91 2.61
C ILE A 388 21.87 -1.62 2.13
N LYS A 389 23.03 -0.91 2.14
CA LYS A 389 24.32 -1.47 1.76
C LYS A 389 24.84 -2.27 2.96
N GLN A 390 24.16 -3.39 3.21
CA GLN A 390 24.36 -4.37 4.28
C GLN A 390 23.52 -5.52 3.82
N ASN A 391 22.18 -5.31 3.73
CA ASN A 391 21.24 -6.30 3.24
C ASN A 391 21.49 -6.56 1.77
N CYS A 392 21.95 -5.53 1.00
CA CYS A 392 22.30 -5.65 -0.42
C CYS A 392 23.56 -6.52 -0.59
N GLU A 393 24.54 -6.37 0.34
CA GLU A 393 25.78 -7.16 0.38
C GLU A 393 25.45 -8.60 0.78
N LEU A 394 24.49 -8.74 1.72
CA LEU A 394 24.00 -10.01 2.22
C LEU A 394 23.13 -10.73 1.15
N PHE A 395 22.44 -9.95 0.30
CA PHE A 395 21.62 -10.50 -0.79
C PHE A 395 22.51 -11.05 -1.89
N GLU A 396 23.51 -10.25 -2.32
CA GLU A 396 24.50 -10.61 -3.34
C GLU A 396 25.25 -11.88 -2.92
N GLN A 397 25.37 -12.08 -1.60
CA GLN A 397 26.04 -13.20 -0.94
C GLN A 397 25.14 -14.47 -0.89
N LEU A 398 24.01 -14.39 -0.17
CA LEU A 398 23.11 -15.51 0.12
C LEU A 398 22.11 -15.94 -0.96
N GLY A 399 21.66 -15.02 -1.81
CA GLY A 399 20.66 -15.35 -2.81
C GLY A 399 19.29 -15.21 -2.20
N GLU A 400 18.31 -14.79 -3.00
CA GLU A 400 16.94 -14.53 -2.59
C GLU A 400 16.37 -15.50 -1.56
N TYR A 401 16.45 -16.82 -1.80
CA TYR A 401 15.91 -17.80 -0.85
C TYR A 401 16.58 -17.75 0.53
N LYS A 402 17.92 -18.05 0.62
CA LYS A 402 18.77 -18.04 1.83
C LYS A 402 18.65 -16.74 2.63
N PHE A 403 18.63 -15.58 1.94
CA PHE A 403 18.49 -14.25 2.50
C PHE A 403 17.16 -14.14 3.25
N GLN A 404 16.04 -14.55 2.61
CA GLN A 404 14.70 -14.54 3.22
C GLN A 404 14.68 -15.36 4.50
N ASN A 405 15.35 -16.53 4.49
CA ASN A 405 15.48 -17.44 5.62
C ASN A 405 16.26 -16.80 6.74
N ALA A 406 17.21 -15.89 6.40
CA ALA A 406 18.02 -15.19 7.41
C ALA A 406 17.16 -14.23 8.22
N LEU A 407 16.28 -13.50 7.53
CA LEU A 407 15.35 -12.53 8.08
C LEU A 407 14.18 -13.22 8.77
N LEU A 408 13.67 -14.34 8.20
CA LEU A 408 12.55 -15.14 8.75
C LEU A 408 12.89 -15.60 10.14
N VAL A 409 14.11 -16.19 10.32
CA VAL A 409 14.63 -16.67 11.61
C VAL A 409 14.83 -15.48 12.55
N ARG A 410 15.54 -14.44 12.08
CA ARG A 410 15.82 -13.25 12.88
C ARG A 410 14.56 -12.69 13.47
N TYR A 411 13.58 -12.38 12.60
CA TYR A 411 12.32 -11.74 12.95
C TYR A 411 11.32 -12.68 13.61
N THR A 412 11.41 -14.01 13.42
CA THR A 412 10.53 -14.89 14.20
C THR A 412 10.98 -14.87 15.67
N LYS A 413 12.32 -14.82 15.89
CA LYS A 413 12.93 -14.72 17.23
C LYS A 413 12.46 -13.43 17.92
N LYS A 414 12.42 -12.30 17.15
CA LYS A 414 12.01 -10.94 17.53
C LYS A 414 10.51 -10.81 17.79
N VAL A 415 9.64 -11.43 16.94
CA VAL A 415 8.17 -11.37 17.09
C VAL A 415 7.47 -12.75 16.81
N PRO A 416 7.49 -13.74 17.74
CA PRO A 416 6.75 -15.01 17.47
C PRO A 416 5.21 -14.86 17.58
N GLN A 417 4.79 -13.68 18.03
CA GLN A 417 3.40 -13.30 18.21
C GLN A 417 2.77 -13.10 16.82
N VAL A 418 3.42 -12.27 15.93
CA VAL A 418 3.03 -12.00 14.54
C VAL A 418 2.81 -13.38 13.87
N SER A 419 1.66 -13.58 13.21
CA SER A 419 1.34 -14.88 12.62
C SER A 419 2.32 -15.31 11.53
N THR A 420 2.54 -16.65 11.42
CA THR A 420 3.43 -17.32 10.46
C THR A 420 3.28 -16.78 9.01
N PRO A 421 2.05 -16.68 8.44
CA PRO A 421 1.95 -16.22 7.05
C PRO A 421 2.24 -14.75 6.88
N THR A 422 2.17 -13.96 7.95
CA THR A 422 2.46 -12.52 7.87
C THR A 422 3.96 -12.35 7.77
N LEU A 423 4.71 -13.19 8.51
CA LEU A 423 6.17 -13.26 8.55
C LEU A 423 6.71 -13.76 7.21
N VAL A 424 6.14 -14.89 6.68
CA VAL A 424 6.56 -15.47 5.41
C VAL A 424 6.41 -14.46 4.26
N GLU A 425 5.25 -13.73 4.23
CA GLU A 425 4.95 -12.68 3.25
C GLU A 425 5.83 -11.47 3.49
N VAL A 426 6.12 -11.12 4.77
CA VAL A 426 6.99 -10.00 5.09
C VAL A 426 8.34 -10.23 4.41
N SER A 427 8.99 -11.35 4.76
CA SER A 427 10.29 -11.80 4.25
C SER A 427 10.39 -11.83 2.74
N ARG A 428 9.30 -12.23 2.07
CA ARG A 428 9.18 -12.36 0.63
C ARG A 428 9.04 -11.01 -0.07
N ASN A 429 8.64 -9.94 0.65
CA ASN A 429 8.58 -8.57 0.12
C ASN A 429 9.96 -7.93 0.20
N LEU A 430 10.68 -8.21 1.31
CA LEU A 430 12.06 -7.77 1.58
C LEU A 430 13.01 -8.50 0.62
N GLY A 431 12.58 -9.67 0.13
CA GLY A 431 13.30 -10.41 -0.88
C GLY A 431 13.38 -9.56 -2.13
N LYS A 432 12.23 -8.93 -2.52
CA LYS A 432 12.08 -8.00 -3.65
C LYS A 432 12.91 -6.73 -3.48
N VAL A 433 13.24 -6.34 -2.23
CA VAL A 433 14.12 -5.20 -1.95
C VAL A 433 15.51 -5.65 -2.41
N GLY A 434 15.88 -6.89 -2.08
CA GLY A 434 17.15 -7.47 -2.49
C GLY A 434 17.32 -7.54 -3.99
N SER A 435 16.25 -7.93 -4.71
CA SER A 435 16.27 -7.98 -6.18
C SER A 435 16.15 -6.53 -6.67
N LYS A 436 14.89 -6.07 -6.87
CA LYS A 436 14.50 -4.78 -7.43
C LYS A 436 15.25 -3.55 -6.94
N CYS A 437 15.61 -3.47 -5.64
CA CYS A 437 16.24 -2.25 -5.15
C CYS A 437 17.76 -2.25 -5.15
N CYS A 438 18.41 -3.41 -4.95
CA CYS A 438 19.89 -3.42 -4.91
C CYS A 438 20.51 -3.34 -6.31
N LYS A 439 19.74 -3.70 -7.35
CA LYS A 439 20.16 -3.62 -8.75
C LYS A 439 20.39 -2.15 -9.08
N HIS A 440 19.56 -1.25 -8.51
CA HIS A 440 19.68 0.20 -8.70
C HIS A 440 21.00 0.71 -8.12
N PRO A 441 21.53 1.86 -8.58
CA PRO A 441 22.71 2.41 -7.90
C PRO A 441 22.26 3.01 -6.56
N GLU A 442 23.24 3.41 -5.71
CA GLU A 442 23.01 4.01 -4.40
C GLU A 442 21.83 5.01 -4.42
N ALA A 443 21.97 6.12 -5.15
CA ALA A 443 21.04 7.23 -5.29
C ALA A 443 19.53 6.89 -5.36
N LYS A 444 19.17 5.75 -5.98
CA LYS A 444 17.78 5.34 -6.14
C LYS A 444 17.29 4.31 -5.12
N ARG A 445 18.21 3.48 -4.56
CA ARG A 445 17.96 2.38 -3.63
C ARG A 445 17.07 2.68 -2.40
N MET A 446 17.42 3.68 -1.50
CA MET A 446 16.67 3.99 -0.25
C MET A 446 15.15 4.30 -0.45
N PRO A 447 14.70 5.19 -1.35
CA PRO A 447 13.26 5.39 -1.50
C PRO A 447 12.60 4.15 -2.11
N CYS A 448 13.37 3.35 -2.88
CA CYS A 448 12.94 2.08 -3.47
C CYS A 448 12.64 1.09 -2.31
N ALA A 449 13.50 1.08 -1.28
CA ALA A 449 13.39 0.23 -0.11
C ALA A 449 12.15 0.47 0.75
N GLU A 450 11.86 1.74 1.10
CA GLU A 450 10.68 2.08 1.91
C GLU A 450 9.34 1.66 1.24
N ASP A 451 9.28 1.60 -0.09
CA ASP A 451 8.05 1.28 -0.83
C ASP A 451 7.52 -0.14 -0.64
N TYR A 452 8.36 -1.04 -0.12
CA TYR A 452 8.08 -2.44 0.17
C TYR A 452 8.02 -2.59 1.69
N LEU A 453 8.84 -1.79 2.43
CA LEU A 453 8.86 -1.83 3.89
C LEU A 453 7.63 -1.18 4.50
N SER A 454 7.34 0.07 4.11
CA SER A 454 6.19 0.88 4.50
C SER A 454 4.91 0.07 4.42
N VAL A 455 4.70 -0.60 3.28
CA VAL A 455 3.49 -1.37 2.97
C VAL A 455 3.45 -2.71 3.67
N VAL A 456 4.60 -3.41 3.83
CA VAL A 456 4.64 -4.71 4.48
C VAL A 456 4.53 -4.56 6.01
N LEU A 457 5.13 -3.51 6.60
CA LEU A 457 5.02 -3.27 8.04
C LEU A 457 3.60 -2.83 8.32
N ASN A 458 3.01 -2.01 7.42
CA ASN A 458 1.62 -1.58 7.56
C ASN A 458 0.62 -2.73 7.30
N GLN A 459 0.93 -3.65 6.36
CA GLN A 459 0.10 -4.82 6.08
C GLN A 459 0.05 -5.67 7.34
N LEU A 460 1.21 -5.87 7.99
CA LEU A 460 1.40 -6.60 9.24
C LEU A 460 0.64 -5.91 10.39
N CYS A 461 0.65 -4.56 10.39
CA CYS A 461 0.00 -3.68 11.37
C CYS A 461 -1.51 -3.76 11.28
N VAL A 462 -2.05 -3.71 10.03
CA VAL A 462 -3.47 -3.71 9.67
C VAL A 462 -4.11 -5.05 10.04
N LEU A 463 -3.42 -6.16 9.74
CA LEU A 463 -3.85 -7.53 10.05
C LEU A 463 -3.90 -7.72 11.58
N HIS A 464 -3.03 -7.00 12.28
CA HIS A 464 -2.93 -7.04 13.72
C HIS A 464 -4.13 -6.38 14.43
N GLU A 465 -5.02 -5.71 13.68
CA GLU A 465 -6.24 -5.14 14.24
C GLU A 465 -7.30 -6.22 14.31
N LYS A 466 -7.54 -6.94 13.19
CA LYS A 466 -8.50 -8.04 13.10
C LYS A 466 -8.05 -9.19 14.01
N THR A 467 -6.73 -9.46 14.06
CA THR A 467 -6.13 -10.53 14.86
C THR A 467 -5.01 -9.99 15.78
N PRO A 468 -5.34 -9.29 16.91
CA PRO A 468 -4.28 -8.82 17.82
C PRO A 468 -3.69 -9.95 18.64
N VAL A 469 -2.38 -9.91 18.84
CA VAL A 469 -1.63 -10.93 19.59
C VAL A 469 -0.57 -10.30 20.54
N SER A 470 0.07 -9.19 20.13
CA SER A 470 1.11 -8.56 20.94
C SER A 470 0.91 -7.09 21.22
N ASP A 471 1.20 -6.68 22.48
CA ASP A 471 1.18 -5.29 22.94
C ASP A 471 2.45 -4.62 22.39
N ARG A 472 3.55 -5.39 22.30
CA ARG A 472 4.85 -4.91 21.82
C ARG A 472 4.78 -4.40 20.36
N VAL A 473 4.09 -5.18 19.46
CA VAL A 473 3.89 -4.87 18.04
C VAL A 473 2.98 -3.66 17.94
N THR A 474 1.81 -3.72 18.64
CA THR A 474 0.76 -2.70 18.73
C THR A 474 1.35 -1.35 19.16
N LYS A 475 2.47 -1.39 19.86
CA LYS A 475 3.13 -0.16 20.25
C LYS A 475 3.80 0.51 19.05
N CYS A 476 4.40 -0.26 18.12
CA CYS A 476 5.05 0.29 16.91
C CYS A 476 4.05 0.70 15.87
N CYS A 477 2.99 -0.08 15.71
CA CYS A 477 1.87 0.14 14.81
C CYS A 477 1.05 1.41 15.13
N THR A 478 1.42 2.12 16.21
CA THR A 478 0.76 3.33 16.71
C THR A 478 1.79 4.42 17.09
N GLU A 479 2.78 4.11 17.95
CA GLU A 479 3.86 5.00 18.43
C GLU A 479 4.17 6.19 17.48
N SER A 480 4.39 5.87 16.20
CA SER A 480 4.70 6.79 15.12
C SER A 480 4.88 6.13 13.79
N LEU A 481 4.27 6.81 12.83
CA LEU A 481 4.21 6.72 11.38
C LEU A 481 5.55 6.36 10.76
N VAL A 482 6.56 7.22 11.02
CA VAL A 482 7.91 7.20 10.47
C VAL A 482 8.87 6.30 11.26
N ASN A 483 8.98 6.50 12.58
CA ASN A 483 9.91 5.70 13.37
C ASN A 483 9.33 4.31 13.72
N ARG A 484 8.58 3.72 12.76
CA ARG A 484 7.94 2.40 12.80
C ARG A 484 9.02 1.37 12.51
N ARG A 485 9.80 1.58 11.40
CA ARG A 485 10.91 0.71 10.97
C ARG A 485 11.95 0.51 12.11
N PRO A 486 12.48 1.58 12.78
CA PRO A 486 13.41 1.36 13.90
C PRO A 486 12.71 0.72 15.12
N CYS A 487 11.39 0.97 15.30
CA CYS A 487 10.61 0.38 16.38
C CYS A 487 10.52 -1.13 16.18
N PHE A 488 10.54 -1.61 14.93
CA PHE A 488 10.52 -3.04 14.63
C PHE A 488 11.95 -3.61 14.63
N SER A 489 12.93 -2.79 14.26
CA SER A 489 14.32 -3.20 14.22
C SER A 489 14.86 -3.32 15.65
N ALA A 490 14.46 -2.40 16.54
CA ALA A 490 14.87 -2.36 17.95
C ALA A 490 13.96 -3.20 18.85
N LEU A 491 13.13 -4.04 18.23
CA LEU A 491 12.25 -4.97 18.90
C LEU A 491 13.12 -6.18 19.31
N GLU A 492 14.14 -5.94 20.19
CA GLU A 492 15.14 -6.89 20.77
C GLU A 492 14.71 -8.34 20.71
N VAL A 493 13.47 -8.58 21.18
CA VAL A 493 12.49 -9.68 21.22
C VAL A 493 11.44 -9.29 22.30
N ASP A 494 10.69 -10.30 22.79
CA ASP A 494 9.73 -10.28 23.90
C ASP A 494 10.50 -10.64 25.21
N GLU A 495 10.11 -11.68 25.98
CA GLU A 495 10.85 -12.02 27.19
C GLU A 495 10.94 -13.53 27.47
N THR A 496 10.13 -14.02 28.43
CA THR A 496 10.07 -15.43 28.82
C THR A 496 8.63 -15.95 28.76
N TYR A 497 7.87 -15.48 27.74
CA TYR A 497 6.48 -15.87 27.53
C TYR A 497 6.33 -16.55 26.15
N VAL A 498 7.24 -17.49 25.84
CA VAL A 498 7.30 -18.18 24.55
C VAL A 498 7.30 -19.75 24.70
N PRO A 499 6.39 -20.45 23.97
CA PRO A 499 6.34 -21.93 24.06
C PRO A 499 7.46 -22.59 23.25
N CYS A 514 4.55 -34.71 -3.79
CA CYS A 514 5.98 -34.47 -3.65
C CYS A 514 6.38 -33.11 -4.24
N THR A 515 6.27 -32.93 -5.56
CA THR A 515 6.69 -31.69 -6.21
C THR A 515 5.51 -30.72 -6.47
N LEU A 516 4.97 -30.70 -7.71
CA LEU A 516 3.91 -29.83 -8.28
C LEU A 516 4.37 -28.35 -8.50
N SER A 517 5.31 -27.82 -7.66
CA SER A 517 5.86 -26.45 -7.75
C SER A 517 7.36 -26.44 -7.42
N GLU A 518 7.94 -25.23 -7.31
CA GLU A 518 9.35 -24.97 -6.94
C GLU A 518 9.45 -23.66 -6.16
N LYS A 519 8.83 -22.59 -6.69
CA LYS A 519 8.76 -21.25 -6.08
C LYS A 519 7.91 -21.32 -4.83
N GLU A 520 6.86 -22.16 -4.85
CA GLU A 520 5.98 -22.39 -3.72
C GLU A 520 6.52 -23.54 -2.86
N ARG A 521 7.30 -24.47 -3.48
CA ARG A 521 7.97 -25.60 -2.80
C ARG A 521 9.02 -25.02 -1.83
N GLN A 522 9.34 -23.74 -2.02
CA GLN A 522 10.23 -22.94 -1.19
C GLN A 522 9.43 -22.43 0.03
N ILE A 523 8.21 -21.87 -0.19
CA ILE A 523 7.31 -21.36 0.87
C ILE A 523 6.95 -22.49 1.83
N LYS A 524 6.68 -23.69 1.30
CA LYS A 524 6.39 -24.87 2.12
C LYS A 524 7.53 -25.03 3.14
N LYS A 525 8.80 -24.97 2.66
CA LYS A 525 10.02 -25.05 3.49
C LYS A 525 10.16 -23.80 4.42
N GLN A 526 9.73 -22.61 3.95
CA GLN A 526 9.82 -21.36 4.72
C GLN A 526 8.86 -21.39 5.91
N THR A 527 7.53 -21.42 5.68
CA THR A 527 6.44 -21.56 6.68
C THR A 527 6.75 -22.60 7.79
N ALA A 528 7.42 -23.71 7.41
CA ALA A 528 7.85 -24.77 8.30
C ALA A 528 8.93 -24.22 9.24
N LEU A 529 10.05 -23.68 8.69
CA LEU A 529 11.15 -23.07 9.46
C LEU A 529 10.66 -21.94 10.37
N VAL A 530 9.71 -21.11 9.87
CA VAL A 530 9.12 -20.00 10.64
C VAL A 530 8.51 -20.58 11.90
N GLU A 531 7.65 -21.61 11.74
CA GLU A 531 7.02 -22.34 12.85
C GLU A 531 8.07 -23.00 13.75
N LEU A 532 9.14 -23.61 13.17
CA LEU A 532 10.25 -24.25 13.88
C LEU A 532 10.96 -23.26 14.83
N VAL A 533 11.16 -21.98 14.37
CA VAL A 533 11.77 -20.90 15.17
C VAL A 533 10.72 -20.36 16.17
N LYS A 534 9.41 -20.58 15.90
CA LYS A 534 8.37 -20.20 16.84
C LYS A 534 8.50 -21.10 18.08
N HIS A 535 8.64 -22.41 17.87
CA HIS A 535 8.76 -23.41 18.93
C HIS A 535 10.03 -23.27 19.74
N LYS A 536 11.21 -23.37 19.09
CA LYS A 536 12.50 -23.28 19.78
C LYS A 536 13.30 -22.03 19.35
N PRO A 537 13.08 -20.87 20.03
CA PRO A 537 13.80 -19.62 19.67
C PRO A 537 15.26 -19.57 20.16
N LYS A 538 15.65 -20.51 21.02
CA LYS A 538 16.99 -20.62 21.58
C LYS A 538 17.94 -21.39 20.62
N ALA A 539 17.35 -21.97 19.53
CA ALA A 539 18.10 -22.70 18.51
C ALA A 539 19.04 -21.76 17.75
N THR A 540 20.27 -22.22 17.59
CA THR A 540 21.34 -21.47 16.92
C THR A 540 21.23 -21.62 15.43
N LYS A 541 21.80 -20.67 14.68
CA LYS A 541 21.82 -20.72 13.22
C LYS A 541 22.53 -22.00 12.77
N GLU A 542 23.32 -22.61 13.66
CA GLU A 542 23.97 -23.90 13.43
C GLU A 542 22.85 -24.95 13.46
N GLN A 543 22.20 -25.09 14.64
CA GLN A 543 21.10 -26.00 14.90
C GLN A 543 19.99 -25.94 13.83
N LEU A 544 19.50 -24.72 13.52
CA LEU A 544 18.42 -24.49 12.55
C LEU A 544 18.78 -24.85 11.14
N LYS A 545 20.04 -24.62 10.74
CA LYS A 545 20.48 -24.99 9.40
C LYS A 545 20.70 -26.50 9.35
N ALA A 546 21.23 -27.09 10.46
CA ALA A 546 21.44 -28.54 10.59
C ALA A 546 20.12 -29.33 10.48
N VAL A 547 19.02 -28.77 11.01
CA VAL A 547 17.69 -29.36 10.96
C VAL A 547 17.14 -29.19 9.55
N MET A 548 17.25 -27.98 8.97
CA MET A 548 16.73 -27.71 7.63
C MET A 548 17.54 -28.39 6.53
N ASP A 549 18.82 -28.71 6.81
CA ASP A 549 19.69 -29.43 5.89
C ASP A 549 19.28 -30.90 5.91
N ASP A 550 18.96 -31.42 7.12
CA ASP A 550 18.48 -32.79 7.30
C ASP A 550 17.02 -32.90 6.89
N PHE A 551 16.39 -31.74 6.65
CA PHE A 551 15.04 -31.67 6.11
C PHE A 551 15.19 -31.91 4.61
N ALA A 552 16.14 -31.20 3.94
CA ALA A 552 16.40 -31.35 2.51
C ALA A 552 16.68 -32.83 2.18
N ALA A 553 17.47 -33.52 3.02
CA ALA A 553 17.80 -34.94 2.89
C ALA A 553 16.56 -35.86 3.10
N PHE A 554 15.50 -35.34 3.78
CA PHE A 554 14.25 -36.06 3.99
C PHE A 554 13.46 -36.08 2.67
N VAL A 555 13.25 -34.90 2.06
CA VAL A 555 12.53 -34.76 0.81
C VAL A 555 13.28 -35.39 -0.37
N GLU A 556 14.62 -35.18 -0.45
CA GLU A 556 15.50 -35.72 -1.51
C GLU A 556 15.43 -37.24 -1.60
N LYS A 557 15.60 -37.94 -0.45
CA LYS A 557 15.55 -39.40 -0.35
C LYS A 557 14.15 -39.97 -0.64
N CYS A 558 13.10 -39.33 -0.09
CA CYS A 558 11.74 -39.82 -0.24
C CYS A 558 11.13 -39.54 -1.62
N CYS A 559 11.59 -38.49 -2.32
CA CYS A 559 11.12 -38.20 -3.68
C CYS A 559 11.94 -39.00 -4.74
N LYS A 560 12.58 -40.13 -4.31
CA LYS A 560 13.36 -41.02 -5.18
C LYS A 560 13.29 -42.52 -4.74
N ALA A 561 12.38 -42.84 -3.78
CA ALA A 561 12.13 -44.21 -3.30
C ALA A 561 10.98 -44.81 -4.11
N ASP A 562 10.88 -46.16 -4.19
CA ASP A 562 9.79 -46.81 -4.93
C ASP A 562 8.62 -47.29 -4.02
N ASP A 563 8.36 -46.47 -2.99
CA ASP A 563 7.30 -46.55 -1.97
C ASP A 563 7.30 -45.12 -1.42
N LYS A 564 6.86 -44.19 -2.30
CA LYS A 564 6.83 -42.74 -2.15
C LYS A 564 6.35 -42.21 -0.76
N GLU A 565 5.04 -42.28 -0.42
CA GLU A 565 4.54 -41.78 0.86
C GLU A 565 4.95 -42.64 2.09
N THR A 566 5.47 -43.87 1.84
CA THR A 566 5.95 -44.79 2.89
C THR A 566 7.23 -44.22 3.52
N CYS A 567 8.05 -43.53 2.70
CA CYS A 567 9.27 -42.86 3.12
C CYS A 567 8.90 -41.58 3.86
N PHE A 568 7.95 -40.77 3.32
CA PHE A 568 7.50 -39.52 3.92
C PHE A 568 6.91 -39.70 5.33
N ALA A 569 6.11 -40.77 5.54
CA ALA A 569 5.49 -41.09 6.83
C ALA A 569 6.47 -41.65 7.86
N GLU A 570 7.27 -42.69 7.48
CA GLU A 570 8.25 -43.35 8.38
C GLU A 570 9.54 -42.56 8.60
N GLU A 571 10.15 -42.02 7.53
CA GLU A 571 11.40 -41.25 7.61
C GLU A 571 11.20 -39.76 7.94
N GLY A 572 9.94 -39.31 7.96
CA GLY A 572 9.55 -37.94 8.31
C GLY A 572 9.41 -37.80 9.81
N LYS A 573 8.64 -38.71 10.41
CA LYS A 573 8.47 -38.76 11.86
C LYS A 573 9.59 -39.67 12.39
N LYS A 574 10.82 -39.34 11.96
CA LYS A 574 12.12 -39.97 12.27
C LYS A 574 13.04 -38.83 12.65
N LEU A 575 12.96 -37.70 11.89
CA LEU A 575 13.72 -36.50 12.20
C LEU A 575 12.94 -35.65 13.21
N VAL A 576 11.62 -35.96 13.41
CA VAL A 576 10.76 -35.27 14.37
C VAL A 576 11.40 -35.29 15.77
N ALA A 577 11.93 -36.46 16.19
CA ALA A 577 12.63 -36.61 17.46
C ALA A 577 14.14 -36.80 17.23
N ALA A 578 14.68 -35.98 16.31
CA ALA A 578 16.09 -35.85 15.94
C ALA A 578 16.34 -34.34 15.87
N SER A 579 15.24 -33.59 15.69
CA SER A 579 15.18 -32.13 15.71
C SER A 579 14.76 -31.76 17.14
N GLN A 580 13.74 -32.48 17.68
CA GLN A 580 13.27 -32.29 19.06
C GLN A 580 14.27 -32.93 20.04
N ALA A 581 15.18 -33.78 19.51
CA ALA A 581 16.27 -34.40 20.27
C ALA A 581 17.51 -33.51 20.18
N ALA A 582 17.52 -32.58 19.21
CA ALA A 582 18.57 -31.59 19.03
C ALA A 582 18.16 -30.34 19.85
N LEU A 583 17.70 -30.59 21.10
CA LEU A 583 17.23 -29.57 22.06
C LEU A 583 17.92 -29.73 23.42
C1 C7K B . 1.74 8.59 -0.55
C2 C7K B . 1.94 7.88 0.74
C3 C7K B . 1.24 9.92 -0.55
N6 C7K B . 2.45 6.66 0.46
C7 C7K B . 0.93 10.52 0.68
C10 C7K B . 1.07 9.87 1.89
C12 C7K B . 1.36 10.29 -3.08
C15 C7K B . 2.32 11.29 -3.69
C16 C7K B . 2.60 11.09 -5.18
C19 C7K B . 1.28 12.69 -8.51
C20 C7K B . -0.25 12.63 -8.56
C21 C7K B . -0.87 11.37 -9.17
C22 C7K B . -2.33 11.12 -8.82
C24 C7K B . -2.34 9.30 -7.05
N4 C7K B . 2.19 7.71 -1.49
C5 C7K B . 1.54 8.56 1.94
N8 C7K B . 1.01 10.64 -1.72
O9 C7K B . 2.60 6.57 -0.87
N11 C7K B . 1.73 7.97 3.26
O13 C7K B . 1.98 6.78 3.33
O14 C7K B . 1.66 8.71 4.23
C17 C7K B . 1.81 12.02 -6.09
C18 C7K B . 1.97 11.72 -7.57
C23 C7K B . -2.62 10.75 -7.36
C25 C7K B . -1.36 9.05 -5.94
O26 C7K B . -1.88 8.37 -4.95
O27 C7K B . -0.20 9.40 -5.97
C1 C7K C . 13.01 -4.89 9.06
C2 C7K C . 11.79 -5.22 9.76
C3 C7K C . 13.60 -5.88 8.24
N6 C7K C . 11.44 -4.13 10.45
C7 C7K C . 13.03 -7.15 8.11
C10 C7K C . 11.84 -7.46 8.75
C12 C7K C . 15.58 -6.29 6.74
C15 C7K C . 15.67 -5.61 5.38
C16 C7K C . 15.91 -4.10 5.49
C19 C7K C . 16.13 -1.18 4.13
C20 C7K C . 15.74 -0.05 5.05
C21 C7K C . 15.03 1.07 4.36
C22 C7K C . 14.71 2.22 5.29
C24 C7K C . 12.98 3.38 6.74
N4 C7K C . 13.33 -3.65 9.40
C5 C7K C . 11.20 -6.53 9.56
N8 C7K C . 14.79 -5.51 7.65
O9 C7K C . 12.40 -3.20 10.23
N11 C7K C . 10.01 -6.97 10.29
O13 C7K C . 9.61 -6.25 11.21
O14 C7K C . 9.50 -8.03 10.00
C17 C7K C . 16.95 -3.55 4.53
C18 C7K C . 17.21 -2.07 4.71
C23 C7K C . 13.24 2.31 5.69
C25 C7K C . 13.42 4.76 6.33
O26 C7K C . 14.53 5.14 6.90
O27 C7K C . 12.81 5.44 5.53
#